data_3IKN
#
_entry.id   3IKN
#
_cell.length_a   55.740
_cell.length_b   108.580
_cell.length_c   55.880
_cell.angle_alpha   90.000
_cell.angle_beta   91.410
_cell.angle_gamma   90.000
#
_symmetry.space_group_name_H-M   'P 1 21 1'
#
loop_
_entity.id
_entity.type
_entity.pdbx_description
1 polymer 'Pulmonary surfactant-associated protein D'
2 non-polymer 'CALCIUM ION'
3 non-polymer beta-D-galactopyranose
4 water water
#
_entity_poly.entity_id   1
_entity_poly.type   'polypeptide(L)'
_entity_poly.pdbx_seq_one_letter_code
;GSPGLKGDKGIPGDKGAKGESGLPDVASLRQQVEALQGQVQHLQAAFSQYKKVELFPNGQSVGEKIFKTAGFVKPFTEAQ
LLCTQAGGQLASPRSAAENAALQQLVVAKNEAAFLSMTDSKTEGKFTYPTGESLVYSNWAPGEPNDDGGSEDCVEIFTNG
KWNDRACGEKRLVVCEF
;
_entity_poly.pdbx_strand_id   A,B,C
#
loop_
_chem_comp.id
_chem_comp.type
_chem_comp.name
_chem_comp.formula
CA non-polymer 'CALCIUM ION' 'Ca 2'
GAL D-saccharide, beta linking beta-D-galactopyranose 'C6 H12 O6'
#
# COMPACT_ATOMS: atom_id res chain seq x y z
N VAL A 26 -38.51 -4.71 21.20
CA VAL A 26 -38.15 -3.64 22.19
C VAL A 26 -36.91 -4.04 22.98
N ALA A 27 -37.06 -5.09 23.80
CA ALA A 27 -35.95 -5.58 24.60
C ALA A 27 -34.96 -6.29 23.69
N SER A 28 -35.49 -7.06 22.76
CA SER A 28 -34.66 -7.80 21.81
C SER A 28 -33.96 -6.82 20.88
N LEU A 29 -34.63 -5.70 20.61
CA LEU A 29 -34.08 -4.69 19.73
C LEU A 29 -32.89 -4.00 20.39
N ARG A 30 -32.94 -3.85 21.71
CA ARG A 30 -31.85 -3.22 22.44
C ARG A 30 -30.58 -4.06 22.34
N GLN A 31 -30.67 -5.32 22.72
CA GLN A 31 -29.52 -6.23 22.66
C GLN A 31 -28.99 -6.31 21.24
N GLN A 32 -29.90 -6.13 20.27
CA GLN A 32 -29.52 -6.19 18.86
C GLN A 32 -28.70 -4.95 18.53
N VAL A 33 -29.11 -3.81 19.07
CA VAL A 33 -28.39 -2.56 18.85
C VAL A 33 -27.07 -2.60 19.60
N GLU A 34 -27.11 -3.17 20.80
CA GLU A 34 -25.92 -3.29 21.63
C GLU A 34 -24.88 -4.15 20.91
N ALA A 35 -25.34 -5.25 20.35
CA ALA A 35 -24.45 -6.18 19.65
C ALA A 35 -23.87 -5.58 18.37
N LEU A 36 -24.73 -4.97 17.56
CA LEU A 36 -24.28 -4.38 16.31
C LEU A 36 -23.28 -3.25 16.53
N GLN A 37 -23.47 -2.48 17.59
CA GLN A 37 -22.56 -1.38 17.88
C GLN A 37 -21.20 -1.90 18.30
N GLY A 38 -21.17 -3.02 19.01
CA GLY A 38 -19.92 -3.59 19.43
C GLY A 38 -19.16 -3.98 18.17
N GLN A 39 -19.90 -4.53 17.20
CA GLN A 39 -19.32 -4.93 15.93
C GLN A 39 -18.81 -3.74 15.16
N VAL A 40 -19.57 -2.64 15.17
CA VAL A 40 -19.17 -1.44 14.46
C VAL A 40 -17.93 -0.82 15.09
N GLN A 41 -17.84 -0.83 16.40
CA GLN A 41 -16.69 -0.25 17.06
C GLN A 41 -15.45 -1.12 16.87
N HIS A 42 -15.64 -2.43 16.73
CA HIS A 42 -14.51 -3.31 16.48
C HIS A 42 -14.05 -3.04 15.05
N LEU A 43 -15.00 -2.81 14.16
CA LEU A 43 -14.69 -2.52 12.76
C LEU A 43 -13.96 -1.18 12.69
N GLN A 44 -14.41 -0.20 13.48
CA GLN A 44 -13.77 1.12 13.50
C GLN A 44 -12.31 0.98 13.93
N ALA A 45 -12.07 0.16 14.95
CA ALA A 45 -10.72 -0.05 15.47
C ALA A 45 -9.83 -0.72 14.43
N ALA A 46 -10.36 -1.74 13.77
CA ALA A 46 -9.59 -2.46 12.75
C ALA A 46 -9.31 -1.55 11.56
N PHE A 47 -10.31 -0.78 11.14
CA PHE A 47 -10.14 0.13 10.03
C PHE A 47 -9.06 1.17 10.34
N SER A 48 -9.11 1.72 11.56
CA SER A 48 -8.15 2.73 11.99
C SER A 48 -6.72 2.19 11.91
N GLN A 49 -6.54 0.94 12.32
CA GLN A 49 -5.22 0.32 12.27
C GLN A 49 -4.76 0.13 10.84
N TYR A 50 -5.63 -0.40 9.98
CA TYR A 50 -5.26 -0.62 8.60
C TYR A 50 -5.02 0.69 7.83
N LYS A 51 -5.68 1.76 8.25
CA LYS A 51 -5.46 3.04 7.57
C LYS A 51 -4.04 3.53 7.84
N LYS A 52 -3.57 3.39 9.08
CA LYS A 52 -2.21 3.81 9.42
C LYS A 52 -1.22 2.96 8.64
N VAL A 53 -1.49 1.66 8.57
CA VAL A 53 -0.62 0.77 7.84
C VAL A 53 -0.56 1.19 6.37
N GLU A 54 -1.71 1.46 5.78
CA GLU A 54 -1.80 1.87 4.39
C GLU A 54 -0.93 3.08 4.05
N LEU A 55 -0.99 4.11 4.89
CA LEU A 55 -0.24 5.35 4.64
C LEU A 55 1.27 5.24 4.78
N PHE A 56 1.74 4.17 5.43
CA PHE A 56 3.18 3.99 5.59
C PHE A 56 3.71 3.21 4.40
N PRO A 57 4.72 3.75 3.68
CA PRO A 57 5.42 5.02 3.89
C PRO A 57 5.16 6.04 2.78
N ASN A 58 4.20 5.76 1.89
CA ASN A 58 3.94 6.63 0.75
C ASN A 58 2.74 7.55 0.80
N GLY A 59 2.09 7.63 1.96
CA GLY A 59 0.93 8.48 2.08
C GLY A 59 0.97 9.41 3.28
N GLN A 60 0.14 10.44 3.23
CA GLN A 60 0.03 11.42 4.30
C GLN A 60 -1.41 11.91 4.38
N SER A 61 -1.98 11.88 5.58
CA SER A 61 -3.34 12.35 5.76
C SER A 61 -3.30 13.72 6.42
N VAL A 62 -4.19 14.61 5.98
CA VAL A 62 -4.29 15.96 6.53
C VAL A 62 -5.75 16.34 6.42
N GLY A 63 -6.41 16.51 7.55
CA GLY A 63 -7.82 16.83 7.52
C GLY A 63 -8.51 15.61 6.93
N GLU A 64 -9.41 15.82 5.98
CA GLU A 64 -10.12 14.71 5.35
C GLU A 64 -9.47 14.33 4.03
N LYS A 65 -8.33 14.94 3.74
CA LYS A 65 -7.59 14.68 2.50
C LYS A 65 -6.45 13.69 2.70
N ILE A 66 -6.17 12.90 1.67
CA ILE A 66 -5.07 11.95 1.72
C ILE A 66 -4.20 12.12 0.47
N PHE A 67 -2.90 12.34 0.70
CA PHE A 67 -1.95 12.46 -0.40
C PHE A 67 -1.22 11.12 -0.48
N LYS A 68 -1.01 10.62 -1.70
CA LYS A 68 -0.26 9.38 -1.84
C LYS A 68 0.57 9.47 -3.10
N THR A 69 1.85 9.11 -2.98
CA THR A 69 2.74 9.14 -4.13
C THR A 69 2.84 7.77 -4.77
N ALA A 70 3.01 7.77 -6.09
CA ALA A 70 3.16 6.54 -6.87
C ALA A 70 4.59 6.06 -6.76
N GLY A 71 5.48 6.95 -6.33
CA GLY A 71 6.89 6.60 -6.17
C GLY A 71 7.77 6.81 -7.38
N PHE A 72 7.17 7.22 -8.50
CA PHE A 72 7.94 7.45 -9.71
C PHE A 72 7.57 8.79 -10.35
N VAL A 73 8.35 9.20 -11.35
CA VAL A 73 8.12 10.46 -12.04
C VAL A 73 7.46 10.27 -13.40
N LYS A 74 6.71 11.28 -13.83
CA LYS A 74 6.03 11.27 -15.12
C LYS A 74 5.78 12.71 -15.56
N PRO A 75 5.55 12.92 -16.87
CA PRO A 75 5.28 14.28 -17.34
C PRO A 75 3.89 14.63 -16.82
N PHE A 76 3.54 15.90 -16.80
CA PHE A 76 2.24 16.32 -16.28
C PHE A 76 1.01 15.59 -16.81
N THR A 77 0.84 15.56 -18.12
CA THR A 77 -0.34 14.91 -18.70
C THR A 77 -0.52 13.47 -18.23
N GLU A 78 0.57 12.70 -18.24
N GLU A 78 0.57 12.71 -18.25
CA GLU A 78 0.52 11.31 -17.81
CA GLU A 78 0.55 11.32 -17.82
C GLU A 78 0.23 11.21 -16.32
C GLU A 78 0.25 11.21 -16.33
N ALA A 79 0.85 12.10 -15.54
CA ALA A 79 0.64 12.11 -14.09
C ALA A 79 -0.82 12.42 -13.78
N GLN A 80 -1.36 13.40 -14.49
CA GLN A 80 -2.75 13.81 -14.31
C GLN A 80 -3.71 12.66 -14.61
N LEU A 81 -3.42 11.92 -15.67
CA LEU A 81 -4.26 10.80 -16.06
C LEU A 81 -4.24 9.69 -15.01
N LEU A 82 -3.05 9.39 -14.48
CA LEU A 82 -2.94 8.35 -13.46
C LEU A 82 -3.81 8.67 -12.26
N CYS A 83 -3.77 9.92 -11.81
CA CYS A 83 -4.57 10.31 -10.65
C CYS A 83 -6.07 10.29 -10.93
N THR A 84 -6.48 10.82 -12.08
CA THR A 84 -7.90 10.85 -12.41
C THR A 84 -8.45 9.45 -12.61
N GLN A 85 -7.70 8.58 -13.28
CA GLN A 85 -8.15 7.20 -13.50
C GLN A 85 -8.27 6.46 -12.18
N ALA A 86 -7.51 6.88 -11.18
CA ALA A 86 -7.54 6.25 -9.86
C ALA A 86 -8.65 6.81 -8.97
N GLY A 87 -9.45 7.73 -9.50
CA GLY A 87 -10.54 8.29 -8.72
C GLY A 87 -10.17 9.51 -7.90
N GLY A 88 -9.01 10.09 -8.20
CA GLY A 88 -8.58 11.27 -7.47
C GLY A 88 -8.11 12.34 -8.43
N GLN A 89 -7.13 13.13 -8.01
CA GLN A 89 -6.56 14.17 -8.85
C GLN A 89 -5.16 14.49 -8.35
N LEU A 90 -4.41 15.26 -9.12
CA LEU A 90 -3.05 15.60 -8.70
C LEU A 90 -3.11 16.43 -7.43
N ALA A 91 -2.07 16.30 -6.60
CA ALA A 91 -1.99 17.04 -5.35
C ALA A 91 -2.35 18.51 -5.55
N SER A 92 -3.30 18.98 -4.73
CA SER A 92 -3.77 20.35 -4.80
C SER A 92 -3.81 20.98 -3.42
N PRO A 93 -2.63 21.30 -2.85
CA PRO A 93 -2.59 21.90 -1.52
C PRO A 93 -3.33 23.24 -1.47
N ARG A 94 -4.33 23.33 -0.60
CA ARG A 94 -5.14 24.53 -0.47
C ARG A 94 -4.86 25.31 0.82
N SER A 95 -3.84 24.90 1.56
CA SER A 95 -3.48 25.58 2.81
C SER A 95 -2.05 25.25 3.20
N ALA A 96 -1.52 25.96 4.19
CA ALA A 96 -0.17 25.74 4.65
C ALA A 96 -0.06 24.33 5.25
N ALA A 97 -1.12 23.89 5.94
CA ALA A 97 -1.14 22.57 6.55
C ALA A 97 -1.08 21.48 5.48
N GLU A 98 -1.86 21.64 4.42
CA GLU A 98 -1.83 20.65 3.35
C GLU A 98 -0.49 20.69 2.63
N ASN A 99 0.06 21.89 2.43
CA ASN A 99 1.34 22.01 1.75
C ASN A 99 2.43 21.30 2.55
N ALA A 100 2.37 21.43 3.87
CA ALA A 100 3.35 20.81 4.75
C ALA A 100 3.27 19.28 4.68
N ALA A 101 2.05 18.76 4.61
CA ALA A 101 1.85 17.32 4.53
C ALA A 101 2.39 16.80 3.21
N LEU A 102 2.11 17.51 2.13
CA LEU A 102 2.59 17.12 0.82
C LEU A 102 4.13 17.18 0.79
N GLN A 103 4.68 18.21 1.43
CA GLN A 103 6.13 18.39 1.47
C GLN A 103 6.83 17.16 2.05
N GLN A 104 6.21 16.53 3.06
CA GLN A 104 6.79 15.34 3.68
C GLN A 104 7.07 14.24 2.66
N LEU A 105 6.13 14.01 1.75
CA LEU A 105 6.31 12.97 0.74
C LEU A 105 7.40 13.37 -0.25
N VAL A 106 7.45 14.65 -0.59
CA VAL A 106 8.46 15.14 -1.52
C VAL A 106 9.84 14.94 -0.90
N VAL A 107 9.96 15.26 0.38
CA VAL A 107 11.22 15.11 1.09
C VAL A 107 11.60 13.64 1.22
N ALA A 108 10.62 12.81 1.55
CA ALA A 108 10.86 11.39 1.72
C ALA A 108 11.41 10.74 0.46
N LYS A 109 10.87 11.13 -0.70
CA LYS A 109 11.31 10.59 -1.97
C LYS A 109 12.45 11.40 -2.58
N ASN A 110 12.70 12.57 -2.00
CA ASN A 110 13.75 13.47 -2.48
C ASN A 110 13.53 13.77 -3.95
N GLU A 111 12.27 14.04 -4.31
CA GLU A 111 11.91 14.32 -5.70
C GLU A 111 10.78 15.35 -5.77
N ALA A 112 11.03 16.48 -6.42
CA ALA A 112 10.02 17.52 -6.57
C ALA A 112 8.82 16.89 -7.27
N ALA A 113 7.62 17.34 -6.92
CA ALA A 113 6.40 16.78 -7.49
C ALA A 113 5.51 17.81 -8.18
N PHE A 114 4.69 17.35 -9.11
CA PHE A 114 3.76 18.24 -9.80
C PHE A 114 2.52 18.47 -8.95
N LEU A 115 1.95 19.67 -9.08
CA LEU A 115 0.70 19.99 -8.41
C LEU A 115 -0.31 19.90 -9.55
N SER A 116 -1.59 20.05 -9.25
CA SER A 116 -2.61 19.94 -10.28
C SER A 116 -2.87 21.20 -11.09
N MET A 117 -2.48 22.33 -10.54
CA MET A 117 -2.74 23.63 -11.14
C MET A 117 -1.91 24.05 -12.36
N THR A 118 -2.55 24.76 -13.28
CA THR A 118 -1.88 25.24 -14.50
C THR A 118 -2.46 26.60 -14.91
N ASP A 119 -1.73 27.30 -15.77
CA ASP A 119 -2.24 28.57 -16.28
C ASP A 119 -2.25 28.48 -17.81
N SER A 120 -2.62 27.29 -18.29
CA SER A 120 -2.69 27.01 -19.72
C SER A 120 -3.78 27.80 -20.43
N LYS A 121 -4.92 27.98 -19.76
CA LYS A 121 -6.04 28.71 -20.36
C LYS A 121 -5.74 30.20 -20.48
N THR A 122 -5.28 30.80 -19.40
CA THR A 122 -4.96 32.23 -19.38
C THR A 122 -3.59 32.40 -18.72
N GLU A 123 -2.58 32.72 -19.53
CA GLU A 123 -1.23 32.90 -19.03
C GLU A 123 -1.16 33.80 -17.80
N GLY A 124 -0.49 33.32 -16.76
CA GLY A 124 -0.36 34.07 -15.53
C GLY A 124 -1.47 33.83 -14.52
N LYS A 125 -2.54 33.17 -14.95
CA LYS A 125 -3.66 32.90 -14.06
C LYS A 125 -3.76 31.39 -13.78
N PHE A 126 -3.22 30.97 -12.64
CA PHE A 126 -3.24 29.56 -12.28
C PHE A 126 -4.56 29.12 -11.69
N THR A 127 -5.03 27.96 -12.13
CA THR A 127 -6.30 27.43 -11.67
C THR A 127 -6.24 25.94 -11.38
N TYR A 128 -7.20 25.48 -10.59
CA TYR A 128 -7.33 24.06 -10.26
C TYR A 128 -8.02 23.44 -11.47
N PRO A 129 -8.04 22.10 -11.55
CA PRO A 129 -8.68 21.40 -12.68
C PRO A 129 -10.11 21.88 -12.97
N THR A 130 -10.80 22.36 -11.94
CA THR A 130 -12.18 22.84 -12.08
C THR A 130 -12.27 24.22 -12.72
N GLY A 131 -11.15 24.92 -12.80
CA GLY A 131 -11.14 26.25 -13.39
C GLY A 131 -11.12 27.34 -12.33
N GLU A 132 -11.28 26.94 -11.08
CA GLU A 132 -11.29 27.86 -9.95
C GLU A 132 -9.88 28.46 -9.71
N SER A 133 -9.83 29.74 -9.36
CA SER A 133 -8.56 30.41 -9.10
C SER A 133 -7.99 29.96 -7.76
N LEU A 134 -6.66 29.99 -7.63
CA LEU A 134 -6.00 29.57 -6.41
C LEU A 134 -6.48 30.27 -5.13
N VAL A 135 -6.59 29.50 -4.04
CA VAL A 135 -7.00 30.04 -2.76
C VAL A 135 -5.80 30.02 -1.81
N TYR A 136 -4.68 29.51 -2.30
CA TYR A 136 -3.44 29.41 -1.54
C TYR A 136 -2.28 29.21 -2.52
N SER A 137 -1.13 29.78 -2.19
CA SER A 137 0.05 29.61 -3.01
C SER A 137 1.29 29.74 -2.12
N ASN A 138 2.39 29.16 -2.56
CA ASN A 138 3.64 29.21 -1.79
C ASN A 138 4.81 29.31 -2.75
N TRP A 139 4.71 30.29 -3.67
CA TRP A 139 5.73 30.51 -4.68
C TRP A 139 7.11 30.84 -4.10
N ALA A 140 8.14 30.27 -4.70
CA ALA A 140 9.51 30.51 -4.29
C ALA A 140 9.82 31.93 -4.78
N PRO A 141 10.83 32.58 -4.19
CA PRO A 141 11.15 33.95 -4.62
C PRO A 141 11.38 34.03 -6.13
N GLY A 142 10.79 35.04 -6.76
CA GLY A 142 10.94 35.21 -8.20
C GLY A 142 10.00 34.40 -9.06
N GLU A 143 9.12 33.61 -8.42
CA GLU A 143 8.16 32.77 -9.14
C GLU A 143 6.73 33.24 -8.89
N PRO A 144 5.81 32.95 -9.85
CA PRO A 144 6.06 32.22 -11.09
C PRO A 144 6.61 33.21 -12.14
N ASN A 145 7.49 32.73 -13.03
CA ASN A 145 8.07 33.62 -14.03
C ASN A 145 7.88 33.24 -15.49
N ASP A 146 7.15 32.15 -15.76
CA ASP A 146 6.92 31.69 -17.13
C ASP A 146 8.23 31.70 -17.92
N ASP A 147 9.25 31.06 -17.35
CA ASP A 147 10.56 31.02 -18.00
C ASP A 147 10.49 30.48 -19.42
N GLY A 148 11.27 31.10 -20.29
CA GLY A 148 11.29 30.69 -21.69
C GLY A 148 9.97 30.97 -22.36
N GLY A 149 9.03 31.55 -21.61
CA GLY A 149 7.72 31.85 -22.14
C GLY A 149 6.88 30.61 -22.30
N SER A 150 7.22 29.57 -21.53
CA SER A 150 6.48 28.31 -21.63
C SER A 150 6.52 27.42 -20.38
N GLU A 151 6.07 27.95 -19.25
CA GLU A 151 6.01 27.16 -18.02
C GLU A 151 4.59 27.30 -17.49
N ASP A 152 3.74 26.33 -17.80
CA ASP A 152 2.34 26.40 -17.38
C ASP A 152 1.93 25.41 -16.28
N CYS A 153 2.88 24.60 -15.82
CA CYS A 153 2.59 23.65 -14.76
C CYS A 153 3.29 24.11 -13.49
N VAL A 154 3.05 23.43 -12.37
CA VAL A 154 3.64 23.83 -11.09
C VAL A 154 4.29 22.66 -10.36
N GLU A 155 5.50 22.88 -9.84
CA GLU A 155 6.19 21.85 -9.08
C GLU A 155 6.42 22.34 -7.66
N ILE A 156 6.48 21.41 -6.72
CA ILE A 156 6.75 21.73 -5.32
C ILE A 156 8.08 21.09 -4.96
N PHE A 157 8.99 21.90 -4.41
CA PHE A 157 10.32 21.46 -4.02
C PHE A 157 10.35 20.80 -2.64
N THR A 158 11.50 20.24 -2.27
CA THR A 158 11.64 19.61 -0.97
C THR A 158 11.53 20.65 0.16
N ASN A 159 11.68 21.92 -0.17
CA ASN A 159 11.56 22.97 0.84
C ASN A 159 10.12 23.49 0.93
N GLY A 160 9.21 22.84 0.19
CA GLY A 160 7.82 23.25 0.21
C GLY A 160 7.43 24.38 -0.71
N LYS A 161 8.40 25.10 -1.25
CA LYS A 161 8.10 26.21 -2.15
C LYS A 161 7.69 25.75 -3.54
N TRP A 162 6.94 26.61 -4.24
CA TRP A 162 6.46 26.30 -5.58
C TRP A 162 7.23 27.02 -6.68
N ASN A 163 7.21 26.43 -7.87
CA ASN A 163 7.87 26.99 -9.04
C ASN A 163 7.11 26.57 -10.29
N ASP A 164 6.83 27.52 -11.20
CA ASP A 164 6.15 27.10 -12.41
C ASP A 164 7.20 26.42 -13.28
N ARG A 165 6.78 25.31 -13.88
CA ARG A 165 7.65 24.45 -14.67
C ARG A 165 6.98 23.96 -15.96
N ALA A 166 7.78 23.71 -16.99
CA ALA A 166 7.25 23.22 -18.26
C ALA A 166 6.55 21.89 -17.99
N CYS A 167 5.36 21.74 -18.55
CA CYS A 167 4.57 20.54 -18.35
C CYS A 167 5.17 19.26 -18.92
N GLY A 168 6.10 19.41 -19.87
CA GLY A 168 6.73 18.24 -20.46
C GLY A 168 7.79 17.59 -19.60
N GLU A 169 8.24 18.30 -18.57
CA GLU A 169 9.25 17.77 -17.66
C GLU A 169 8.64 16.67 -16.80
N LYS A 170 9.48 15.79 -16.29
CA LYS A 170 9.02 14.69 -15.45
C LYS A 170 9.21 15.00 -13.98
N ARG A 171 8.16 14.81 -13.20
CA ARG A 171 8.20 15.07 -11.76
C ARG A 171 7.49 13.97 -10.98
N LEU A 172 7.71 13.93 -9.68
CA LEU A 172 7.10 12.91 -8.83
C LEU A 172 5.57 12.98 -8.93
N VAL A 173 4.95 11.81 -9.06
CA VAL A 173 3.49 11.73 -9.15
C VAL A 173 2.91 11.56 -7.76
N VAL A 174 2.10 12.53 -7.35
CA VAL A 174 1.44 12.49 -6.05
C VAL A 174 -0.01 12.86 -6.29
N CYS A 175 -0.92 11.98 -5.86
CA CYS A 175 -2.33 12.24 -6.02
C CYS A 175 -2.98 12.52 -4.69
N GLU A 176 -4.16 13.11 -4.73
CA GLU A 176 -4.92 13.37 -3.53
C GLU A 176 -6.27 12.68 -3.69
N PHE A 177 -6.76 12.12 -2.58
CA PHE A 177 -8.03 11.41 -2.56
C PHE A 177 -8.86 11.93 -1.38
N VAL B 26 -41.46 2.31 16.50
CA VAL B 26 -40.80 1.07 16.98
C VAL B 26 -40.49 0.14 15.81
N ALA B 27 -41.52 -0.13 15.00
CA ALA B 27 -41.35 -1.00 13.84
C ALA B 27 -40.38 -0.31 12.89
N SER B 28 -40.33 1.02 12.97
CA SER B 28 -39.44 1.83 12.15
C SER B 28 -38.01 1.60 12.62
N LEU B 29 -37.80 1.64 13.93
CA LEU B 29 -36.48 1.42 14.50
C LEU B 29 -36.03 0.00 14.13
N ARG B 30 -36.98 -0.92 14.15
CA ARG B 30 -36.73 -2.31 13.79
C ARG B 30 -36.11 -2.34 12.40
N GLN B 31 -36.79 -1.71 11.45
CA GLN B 31 -36.33 -1.64 10.08
C GLN B 31 -34.97 -0.97 9.98
N GLN B 32 -34.77 0.09 10.75
CA GLN B 32 -33.50 0.82 10.75
C GLN B 32 -32.37 -0.09 11.21
N VAL B 33 -32.61 -0.82 12.30
CA VAL B 33 -31.61 -1.73 12.84
C VAL B 33 -31.28 -2.82 11.83
N GLU B 34 -32.31 -3.32 11.15
CA GLU B 34 -32.11 -4.36 10.13
C GLU B 34 -31.31 -3.81 8.97
N ALA B 35 -31.55 -2.54 8.64
CA ALA B 35 -30.85 -1.88 7.55
C ALA B 35 -29.36 -1.79 7.88
N LEU B 36 -29.06 -1.39 9.11
CA LEU B 36 -27.68 -1.26 9.56
C LEU B 36 -26.96 -2.61 9.54
N GLN B 37 -27.67 -3.67 9.89
CA GLN B 37 -27.08 -5.00 9.91
C GLN B 37 -26.59 -5.35 8.50
N GLY B 38 -27.37 -4.99 7.50
CA GLY B 38 -27.00 -5.28 6.13
C GLY B 38 -25.79 -4.47 5.67
N GLN B 39 -25.75 -3.20 6.06
CA GLN B 39 -24.64 -2.33 5.69
C GLN B 39 -23.36 -2.79 6.37
N VAL B 40 -23.47 -3.22 7.62
CA VAL B 40 -22.31 -3.69 8.36
C VAL B 40 -21.77 -4.98 7.75
N GLN B 41 -22.65 -5.90 7.38
CA GLN B 41 -22.20 -7.15 6.77
C GLN B 41 -21.41 -6.85 5.50
N HIS B 42 -21.87 -5.89 4.71
CA HIS B 42 -21.16 -5.53 3.48
C HIS B 42 -19.78 -4.98 3.79
N LEU B 43 -19.70 -4.06 4.75
CA LEU B 43 -18.42 -3.46 5.11
C LEU B 43 -17.45 -4.53 5.64
N GLN B 44 -17.97 -5.43 6.45
CA GLN B 44 -17.14 -6.49 7.02
C GLN B 44 -16.51 -7.35 5.93
N ALA B 45 -17.33 -7.75 4.96
CA ALA B 45 -16.84 -8.58 3.86
C ALA B 45 -15.87 -7.84 2.96
N ALA B 46 -16.21 -6.61 2.60
CA ALA B 46 -15.34 -5.82 1.73
C ALA B 46 -14.02 -5.51 2.42
N PHE B 47 -14.08 -5.16 3.70
CA PHE B 47 -12.87 -4.84 4.44
C PHE B 47 -11.96 -6.06 4.59
N SER B 48 -12.57 -7.21 4.83
CA SER B 48 -11.82 -8.45 4.97
C SER B 48 -10.95 -8.69 3.73
N GLN B 49 -11.51 -8.41 2.55
CA GLN B 49 -10.75 -8.62 1.31
C GLN B 49 -9.61 -7.62 1.23
N TYR B 50 -9.89 -6.36 1.54
CA TYR B 50 -8.85 -5.34 1.45
C TYR B 50 -7.70 -5.55 2.43
N LYS B 51 -7.96 -6.22 3.55
CA LYS B 51 -6.87 -6.45 4.52
C LYS B 51 -5.80 -7.31 3.84
N LYS B 52 -6.23 -8.35 3.13
CA LYS B 52 -5.28 -9.22 2.45
C LYS B 52 -4.52 -8.47 1.38
N VAL B 53 -5.25 -7.64 0.63
CA VAL B 53 -4.65 -6.86 -0.43
C VAL B 53 -3.58 -5.93 0.12
N GLU B 54 -3.91 -5.21 1.20
CA GLU B 54 -2.97 -4.29 1.83
C GLU B 54 -1.64 -4.95 2.22
N LEU B 55 -1.73 -6.08 2.91
CA LEU B 55 -0.53 -6.77 3.38
C LEU B 55 0.38 -7.32 2.30
N PHE B 56 -0.12 -7.46 1.07
CA PHE B 56 0.71 -7.96 -0.02
C PHE B 56 1.41 -6.77 -0.68
N PRO B 57 2.74 -6.82 -0.84
CA PRO B 57 3.69 -7.86 -0.46
C PRO B 57 4.60 -7.44 0.70
N ASN B 58 4.32 -6.29 1.31
CA ASN B 58 5.18 -5.78 2.36
C ASN B 58 4.72 -5.84 3.82
N GLY B 59 3.62 -6.53 4.08
CA GLY B 59 3.14 -6.61 5.45
C GLY B 59 2.98 -8.03 5.96
N GLN B 60 2.87 -8.14 7.27
CA GLN B 60 2.70 -9.43 7.92
C GLN B 60 1.87 -9.23 9.17
N SER B 61 0.78 -9.98 9.27
CA SER B 61 -0.10 -9.89 10.42
C SER B 61 0.19 -11.06 11.36
N VAL B 62 0.15 -10.79 12.66
CA VAL B 62 0.37 -11.82 13.66
C VAL B 62 -0.39 -11.38 14.90
N GLY B 63 -1.40 -12.15 15.28
CA GLY B 63 -2.20 -11.76 16.41
C GLY B 63 -2.89 -10.45 16.04
N GLU B 64 -2.82 -9.46 16.92
CA GLU B 64 -3.43 -8.15 16.67
C GLU B 64 -2.40 -7.16 16.13
N LYS B 65 -1.17 -7.64 15.92
CA LYS B 65 -0.07 -6.81 15.44
C LYS B 65 0.17 -6.90 13.93
N ILE B 66 0.61 -5.79 13.35
CA ILE B 66 0.92 -5.79 11.92
C ILE B 66 2.31 -5.21 11.72
N PHE B 67 3.18 -5.99 11.08
CA PHE B 67 4.53 -5.52 10.76
C PHE B 67 4.46 -5.09 9.29
N LYS B 68 5.12 -3.98 8.96
CA LYS B 68 5.16 -3.53 7.57
C LYS B 68 6.49 -2.88 7.26
N THR B 69 7.10 -3.29 6.16
CA THR B 69 8.38 -2.72 5.78
C THR B 69 8.23 -1.58 4.78
N ALA B 70 9.12 -0.61 4.88
CA ALA B 70 9.14 0.54 4.00
C ALA B 70 9.80 0.11 2.69
N GLY B 71 10.55 -0.98 2.74
CA GLY B 71 11.21 -1.49 1.55
C GLY B 71 12.63 -1.00 1.31
N PHE B 72 13.12 -0.13 2.19
CA PHE B 72 14.47 0.41 2.05
C PHE B 72 15.20 0.43 3.40
N VAL B 73 16.49 0.73 3.36
CA VAL B 73 17.29 0.78 4.58
C VAL B 73 17.56 2.19 5.07
N LYS B 74 17.79 2.31 6.37
CA LYS B 74 18.08 3.60 7.01
C LYS B 74 18.80 3.35 8.33
N PRO B 75 19.49 4.37 8.85
CA PRO B 75 20.19 4.20 10.13
C PRO B 75 19.09 4.17 11.18
N PHE B 76 19.40 3.67 12.38
CA PHE B 76 18.41 3.56 13.45
C PHE B 76 17.57 4.80 13.74
N THR B 77 18.21 5.95 13.98
CA THR B 77 17.47 7.15 14.31
C THR B 77 16.47 7.53 13.22
N GLU B 78 16.89 7.48 11.97
CA GLU B 78 15.99 7.82 10.86
C GLU B 78 14.84 6.81 10.80
N ALA B 79 15.18 5.53 10.92
CA ALA B 79 14.17 4.46 10.88
C ALA B 79 13.13 4.64 11.98
N GLN B 80 13.61 4.93 13.18
CA GLN B 80 12.76 5.12 14.34
C GLN B 80 11.79 6.28 14.12
N LEU B 81 12.29 7.40 13.60
CA LEU B 81 11.45 8.55 13.37
C LEU B 81 10.36 8.24 12.34
N LEU B 82 10.72 7.52 11.29
CA LEU B 82 9.75 7.16 10.26
C LEU B 82 8.58 6.38 10.85
N CYS B 83 8.87 5.42 11.71
CA CYS B 83 7.81 4.63 12.30
C CYS B 83 6.97 5.43 13.28
N THR B 84 7.61 6.23 14.13
CA THR B 84 6.87 7.01 15.11
C THR B 84 5.98 8.06 14.47
N GLN B 85 6.49 8.74 13.44
CA GLN B 85 5.70 9.76 12.77
C GLN B 85 4.52 9.14 12.05
N ALA B 86 4.66 7.86 11.67
CA ALA B 86 3.59 7.16 10.97
C ALA B 86 2.55 6.60 11.95
N GLY B 87 2.75 6.84 13.24
CA GLY B 87 1.81 6.36 14.24
C GLY B 87 2.10 4.99 14.81
N GLY B 88 3.30 4.48 14.54
CA GLY B 88 3.67 3.17 15.05
C GLY B 88 5.02 3.24 15.74
N GLN B 89 5.82 2.18 15.61
CA GLN B 89 7.15 2.14 16.19
C GLN B 89 7.93 1.04 15.50
N LEU B 90 9.24 1.00 15.70
CA LEU B 90 10.06 -0.03 15.07
C LEU B 90 9.62 -1.41 15.53
N ALA B 91 9.80 -2.39 14.65
CA ALA B 91 9.42 -3.77 14.96
C ALA B 91 9.91 -4.15 16.36
N SER B 92 8.99 -4.66 17.17
CA SER B 92 9.29 -5.05 18.55
C SER B 92 8.69 -6.42 18.86
N PRO B 93 9.25 -7.50 18.29
CA PRO B 93 8.71 -8.84 18.56
C PRO B 93 8.74 -9.17 20.05
N ARG B 94 7.57 -9.48 20.61
CA ARG B 94 7.46 -9.79 22.05
C ARG B 94 7.21 -11.26 22.35
N SER B 95 7.26 -12.10 21.33
CA SER B 95 7.04 -13.53 21.51
C SER B 95 7.69 -14.26 20.35
N ALA B 96 7.87 -15.57 20.50
CA ALA B 96 8.46 -16.37 19.43
C ALA B 96 7.56 -16.31 18.21
N ALA B 97 6.25 -16.25 18.45
CA ALA B 97 5.29 -16.18 17.36
C ALA B 97 5.47 -14.89 16.56
N GLU B 98 5.60 -13.77 17.26
CA GLU B 98 5.79 -12.49 16.57
C GLU B 98 7.14 -12.46 15.85
N ASN B 99 8.15 -13.05 16.48
CA ASN B 99 9.48 -13.05 15.86
C ASN B 99 9.48 -13.88 14.58
N ALA B 100 8.75 -14.99 14.58
CA ALA B 100 8.67 -15.85 13.41
C ALA B 100 7.96 -15.11 12.26
N ALA B 101 6.93 -14.36 12.61
CA ALA B 101 6.18 -13.60 11.61
C ALA B 101 7.09 -12.52 11.03
N LEU B 102 7.84 -11.83 11.89
CA LEU B 102 8.73 -10.79 11.42
C LEU B 102 9.80 -11.42 10.54
N GLN B 103 10.26 -12.61 10.92
CA GLN B 103 11.28 -13.29 10.14
C GLN B 103 10.80 -13.57 8.72
N GLN B 104 9.55 -13.98 8.58
CA GLN B 104 8.99 -14.28 7.27
C GLN B 104 9.14 -13.07 6.37
N LEU B 105 8.89 -11.90 6.93
CA LEU B 105 8.98 -10.66 6.18
C LEU B 105 10.42 -10.33 5.83
N VAL B 106 11.33 -10.51 6.79
CA VAL B 106 12.74 -10.24 6.58
C VAL B 106 13.33 -11.16 5.51
N VAL B 107 12.91 -12.42 5.54
CA VAL B 107 13.39 -13.40 4.56
C VAL B 107 12.91 -13.01 3.16
N ALA B 108 11.65 -12.61 3.07
CA ALA B 108 11.07 -12.21 1.79
C ALA B 108 11.84 -11.06 1.16
N LYS B 109 12.33 -10.14 1.98
CA LYS B 109 13.08 -8.99 1.49
C LYS B 109 14.58 -9.26 1.44
N ASN B 110 15.02 -10.32 2.10
CA ASN B 110 16.43 -10.70 2.14
C ASN B 110 17.33 -9.57 2.62
N GLU B 111 16.88 -8.87 3.65
CA GLU B 111 17.62 -7.74 4.22
C GLU B 111 17.41 -7.66 5.73
N ALA B 112 18.50 -7.76 6.50
CA ALA B 112 18.41 -7.68 7.95
C ALA B 112 17.72 -6.37 8.32
N ALA B 113 16.91 -6.40 9.38
CA ALA B 113 16.17 -5.20 9.80
C ALA B 113 16.47 -4.79 11.24
N PHE B 114 16.21 -3.52 11.55
CA PHE B 114 16.41 -3.02 12.90
C PHE B 114 15.18 -3.33 13.76
N LEU B 115 15.41 -3.61 15.03
CA LEU B 115 14.32 -3.82 15.96
C LEU B 115 14.28 -2.49 16.74
N SER B 116 13.29 -2.32 17.62
CA SER B 116 13.14 -1.07 18.35
C SER B 116 14.02 -0.92 19.59
N MET B 117 14.47 -2.04 20.12
CA MET B 117 15.24 -2.07 21.35
C MET B 117 16.72 -1.65 21.31
N THR B 118 17.15 -0.99 22.38
CA THR B 118 18.54 -0.52 22.49
C THR B 118 18.99 -0.53 23.96
N ASP B 119 20.30 -0.49 24.18
CA ASP B 119 20.82 -0.40 25.53
C ASP B 119 21.65 0.87 25.59
N SER B 120 21.10 1.92 24.97
CA SER B 120 21.73 3.23 24.91
C SER B 120 21.74 3.94 26.26
N LYS B 121 20.72 3.68 27.08
CA LYS B 121 20.65 4.31 28.40
C LYS B 121 21.64 3.67 29.36
N THR B 122 21.59 2.35 29.46
CA THR B 122 22.50 1.61 30.33
C THR B 122 23.08 0.42 29.57
N GLU B 123 24.38 0.48 29.30
CA GLU B 123 25.06 -0.58 28.57
C GLU B 123 24.78 -1.96 29.14
N GLY B 124 24.38 -2.88 28.26
CA GLY B 124 24.10 -4.25 28.67
C GLY B 124 22.65 -4.49 29.03
N LYS B 125 21.87 -3.42 29.14
CA LYS B 125 20.45 -3.54 29.47
C LYS B 125 19.58 -3.05 28.34
N PHE B 126 19.10 -3.96 27.50
CA PHE B 126 18.26 -3.59 26.38
C PHE B 126 16.82 -3.36 26.81
N THR B 127 16.24 -2.27 26.30
CA THR B 127 14.87 -1.91 26.63
C THR B 127 14.08 -1.50 25.40
N TYR B 128 12.75 -1.48 25.55
CA TYR B 128 11.85 -1.06 24.48
C TYR B 128 11.82 0.47 24.55
N PRO B 129 11.24 1.13 23.52
CA PRO B 129 11.16 2.59 23.51
C PRO B 129 10.50 3.17 24.76
N THR B 130 9.76 2.33 25.48
CA THR B 130 9.07 2.77 26.69
C THR B 130 9.92 2.65 27.95
N GLY B 131 11.08 2.00 27.83
CA GLY B 131 11.95 1.84 28.99
C GLY B 131 11.82 0.49 29.66
N GLU B 132 10.81 -0.28 29.27
CA GLU B 132 10.56 -1.61 29.82
C GLU B 132 11.62 -2.60 29.34
N SER B 133 11.99 -3.55 30.21
CA SER B 133 12.98 -4.57 29.88
C SER B 133 12.37 -5.59 28.93
N LEU B 134 13.20 -6.28 28.16
CA LEU B 134 12.73 -7.29 27.20
C LEU B 134 11.92 -8.41 27.82
N VAL B 135 10.85 -8.81 27.14
CA VAL B 135 10.01 -9.90 27.62
C VAL B 135 10.26 -11.12 26.74
N TYR B 136 11.09 -10.93 25.73
CA TYR B 136 11.46 -11.97 24.77
C TYR B 136 12.71 -11.56 24.01
N SER B 137 13.54 -12.53 23.64
CA SER B 137 14.75 -12.28 22.86
C SER B 137 15.12 -13.54 22.09
N ASN B 138 15.85 -13.38 20.99
CA ASN B 138 16.28 -14.54 20.20
C ASN B 138 17.71 -14.28 19.73
N TRP B 139 18.58 -13.98 20.68
CA TRP B 139 19.98 -13.68 20.40
C TRP B 139 20.75 -14.83 19.79
N ALA B 140 21.58 -14.52 18.80
CA ALA B 140 22.44 -15.52 18.18
C ALA B 140 23.43 -15.85 19.30
N PRO B 141 24.04 -17.04 19.26
CA PRO B 141 25.01 -17.42 20.29
C PRO B 141 26.10 -16.36 20.51
N GLY B 142 26.36 -16.04 21.77
CA GLY B 142 27.39 -15.06 22.08
C GLY B 142 26.96 -13.61 22.01
N GLU B 143 25.77 -13.36 21.49
CA GLU B 143 25.26 -12.00 21.39
C GLU B 143 24.31 -11.73 22.55
N PRO B 144 24.18 -10.46 22.97
CA PRO B 144 24.87 -9.26 22.47
C PRO B 144 26.30 -9.20 22.99
N ASN B 145 27.22 -8.70 22.17
CA ASN B 145 28.62 -8.62 22.58
C ASN B 145 29.21 -7.21 22.58
N ASP B 146 28.40 -6.20 22.28
CA ASP B 146 28.85 -4.81 22.25
C ASP B 146 30.20 -4.73 21.53
N ASP B 147 30.26 -5.33 20.34
CA ASP B 147 31.49 -5.38 19.56
C ASP B 147 32.11 -4.01 19.33
N GLY B 148 33.40 -3.89 19.65
CA GLY B 148 34.09 -2.62 19.48
C GLY B 148 33.65 -1.60 20.50
N GLY B 149 32.86 -2.04 21.46
CA GLY B 149 32.35 -1.16 22.51
C GLY B 149 31.38 -0.13 21.95
N SER B 150 30.72 -0.44 20.84
CA SER B 150 29.82 0.52 20.23
C SER B 150 28.60 -0.02 19.50
N GLU B 151 27.95 -1.04 20.06
CA GLU B 151 26.75 -1.60 19.44
C GLU B 151 25.60 -1.52 20.43
N ASP B 152 24.71 -0.55 20.23
CA ASP B 152 23.58 -0.35 21.13
C ASP B 152 22.22 -0.62 20.51
N CYS B 153 22.21 -0.96 19.23
CA CYS B 153 20.97 -1.26 18.52
C CYS B 153 20.89 -2.76 18.24
N VAL B 154 19.74 -3.22 17.73
CA VAL B 154 19.57 -4.64 17.45
C VAL B 154 19.05 -4.90 16.05
N GLU B 155 19.61 -5.90 15.39
CA GLU B 155 19.19 -6.27 14.06
C GLU B 155 18.70 -7.71 14.08
N ILE B 156 17.73 -8.01 13.22
CA ILE B 156 17.24 -9.38 13.12
C ILE B 156 17.68 -9.89 11.74
N PHE B 157 18.32 -11.05 11.73
CA PHE B 157 18.81 -11.67 10.50
C PHE B 157 17.71 -12.41 9.75
N THR B 158 18.03 -12.86 8.54
CA THR B 158 17.06 -13.60 7.74
C THR B 158 16.75 -14.95 8.39
N ASN B 159 17.61 -15.40 9.32
CA ASN B 159 17.37 -16.66 10.01
C ASN B 159 16.59 -16.43 11.30
N GLY B 160 16.16 -15.19 11.52
CA GLY B 160 15.39 -14.87 12.69
C GLY B 160 16.15 -14.57 13.97
N LYS B 161 17.47 -14.79 13.96
CA LYS B 161 18.27 -14.52 15.15
C LYS B 161 18.61 -13.04 15.30
N TRP B 162 18.90 -12.62 16.52
CA TRP B 162 19.23 -11.23 16.82
C TRP B 162 20.72 -11.01 17.08
N ASN B 163 21.17 -9.80 16.76
CA ASN B 163 22.56 -9.40 16.97
C ASN B 163 22.61 -7.91 17.31
N ASP B 164 23.38 -7.52 18.31
CA ASP B 164 23.46 -6.09 18.60
C ASP B 164 24.38 -5.51 17.54
N ARG B 165 24.03 -4.31 17.08
CA ARG B 165 24.72 -3.66 15.98
C ARG B 165 24.79 -2.15 16.17
N ALA B 166 25.82 -1.54 15.60
CA ALA B 166 26.01 -0.08 15.67
C ALA B 166 24.77 0.60 15.11
N CYS B 167 24.24 1.56 15.85
CA CYS B 167 23.04 2.26 15.42
C CYS B 167 23.25 3.09 14.15
N GLY B 168 24.50 3.42 13.87
CA GLY B 168 24.82 4.20 12.69
C GLY B 168 24.71 3.44 11.38
N GLU B 169 24.69 2.12 11.45
CA GLU B 169 24.58 1.28 10.27
C GLU B 169 23.18 1.34 9.69
N LYS B 170 23.05 1.04 8.41
CA LYS B 170 21.74 1.07 7.74
C LYS B 170 21.14 -0.33 7.65
N ARG B 171 19.87 -0.46 8.03
CA ARG B 171 19.18 -1.74 7.98
C ARG B 171 17.75 -1.54 7.48
N LEU B 172 17.11 -2.64 7.08
CA LEU B 172 15.73 -2.58 6.58
C LEU B 172 14.81 -1.95 7.62
N VAL B 173 13.97 -1.01 7.16
CA VAL B 173 13.03 -0.33 8.05
C VAL B 173 11.71 -1.12 8.11
N VAL B 174 11.39 -1.62 9.29
CA VAL B 174 10.15 -2.38 9.49
C VAL B 174 9.46 -1.82 10.72
N CYS B 175 8.22 -1.36 10.54
CA CYS B 175 7.46 -0.81 11.64
C CYS B 175 6.34 -1.76 12.06
N GLU B 176 5.82 -1.55 13.27
CA GLU B 176 4.72 -2.35 13.73
C GLU B 176 3.59 -1.38 14.08
N PHE B 177 2.36 -1.82 13.79
CA PHE B 177 1.17 -1.03 14.02
C PHE B 177 0.12 -1.91 14.72
N VAL C 26 -36.49 2.96 24.95
CA VAL C 26 -37.53 3.63 24.13
C VAL C 26 -36.94 4.85 23.43
N ALA C 27 -37.08 6.01 24.07
CA ALA C 27 -36.55 7.25 23.52
C ALA C 27 -35.03 7.15 23.49
N SER C 28 -34.50 6.33 24.40
CA SER C 28 -33.06 6.11 24.53
C SER C 28 -32.52 5.28 23.37
N LEU C 29 -33.23 4.20 23.03
CA LEU C 29 -32.83 3.32 21.94
C LEU C 29 -32.80 4.10 20.63
N ARG C 30 -33.77 5.00 20.47
CA ARG C 30 -33.89 5.82 19.27
C ARG C 30 -32.67 6.72 19.09
N GLN C 31 -32.14 7.23 20.20
CA GLN C 31 -30.96 8.09 20.16
C GLN C 31 -29.71 7.27 19.86
N GLN C 32 -29.64 6.08 20.45
CA GLN C 32 -28.50 5.19 20.25
C GLN C 32 -28.45 4.69 18.81
N VAL C 33 -29.62 4.53 18.19
CA VAL C 33 -29.70 4.07 16.81
C VAL C 33 -29.16 5.15 15.86
N GLU C 34 -29.55 6.40 16.11
CA GLU C 34 -29.11 7.49 15.27
C GLU C 34 -27.59 7.63 15.37
N ALA C 35 -27.05 7.37 16.55
CA ALA C 35 -25.61 7.45 16.76
C ALA C 35 -24.93 6.36 15.93
N LEU C 36 -25.46 5.15 16.02
CA LEU C 36 -24.92 4.01 15.29
C LEU C 36 -25.01 4.29 13.77
N GLN C 37 -26.13 4.86 13.35
CA GLN C 37 -26.33 5.19 11.94
C GLN C 37 -25.21 6.11 11.47
N GLY C 38 -24.88 7.10 12.30
CA GLY C 38 -23.82 8.04 11.95
C GLY C 38 -22.48 7.34 11.85
N GLN C 39 -22.23 6.41 12.76
CA GLN C 39 -20.96 5.67 12.76
C GLN C 39 -20.80 4.86 11.49
N VAL C 40 -21.87 4.21 11.06
CA VAL C 40 -21.83 3.40 9.85
C VAL C 40 -21.66 4.24 8.59
N GLN C 41 -22.36 5.36 8.52
CA GLN C 41 -22.23 6.23 7.34
C GLN C 41 -20.82 6.78 7.25
N HIS C 42 -20.23 7.10 8.40
CA HIS C 42 -18.87 7.60 8.43
C HIS C 42 -17.92 6.53 7.89
N LEU C 43 -18.12 5.29 8.35
CA LEU C 43 -17.28 4.19 7.91
C LEU C 43 -17.41 3.93 6.42
N GLN C 44 -18.63 4.02 5.90
CA GLN C 44 -18.84 3.79 4.47
C GLN C 44 -18.07 4.82 3.66
N ALA C 45 -18.10 6.07 4.11
CA ALA C 45 -17.39 7.13 3.41
C ALA C 45 -15.88 6.95 3.55
N ALA C 46 -15.42 6.63 4.75
CA ALA C 46 -13.99 6.45 4.98
C ALA C 46 -13.45 5.25 4.22
N PHE C 47 -14.18 4.14 4.25
CA PHE C 47 -13.74 2.94 3.57
C PHE C 47 -13.66 3.16 2.06
N SER C 48 -14.65 3.85 1.51
CA SER C 48 -14.64 4.11 0.07
C SER C 48 -13.39 4.86 -0.35
N GLN C 49 -13.01 5.88 0.44
CA GLN C 49 -11.81 6.66 0.14
C GLN C 49 -10.57 5.78 0.28
N TYR C 50 -10.54 4.99 1.34
CA TYR C 50 -9.42 4.10 1.59
C TYR C 50 -9.19 3.11 0.45
N LYS C 51 -10.27 2.59 -0.13
CA LYS C 51 -10.14 1.64 -1.24
C LYS C 51 -9.39 2.26 -2.41
N LYS C 52 -9.75 3.50 -2.77
CA LYS C 52 -9.09 4.18 -3.87
C LYS C 52 -7.60 4.35 -3.56
N VAL C 53 -7.29 4.70 -2.31
CA VAL C 53 -5.91 4.91 -1.91
C VAL C 53 -5.12 3.62 -2.01
N GLU C 54 -5.66 2.52 -1.50
CA GLU C 54 -4.98 1.24 -1.55
C GLU C 54 -4.64 0.80 -2.97
N LEU C 55 -5.61 0.91 -3.86
CA LEU C 55 -5.43 0.48 -5.25
C LEU C 55 -4.44 1.31 -6.05
N PHE C 56 -4.19 2.54 -5.62
CA PHE C 56 -3.22 3.39 -6.33
C PHE C 56 -1.81 3.10 -5.81
N PRO C 57 -0.86 2.76 -6.70
CA PRO C 57 -0.94 2.60 -8.16
C PRO C 57 -0.76 1.15 -8.63
N ASN C 58 -0.76 0.20 -7.69
CA ASN C 58 -0.51 -1.19 -8.05
C ASN C 58 -1.67 -2.16 -8.09
N GLY C 59 -2.90 -1.65 -7.93
CA GLY C 59 -4.05 -2.54 -7.95
C GLY C 59 -5.12 -2.17 -8.96
N GLN C 60 -5.96 -3.15 -9.27
CA GLN C 60 -7.07 -2.97 -10.20
C GLN C 60 -8.24 -3.80 -9.70
N SER C 61 -9.40 -3.16 -9.58
CA SER C 61 -10.60 -3.85 -9.12
C SER C 61 -11.50 -4.13 -10.33
N VAL C 62 -11.99 -5.36 -10.42
CA VAL C 62 -12.88 -5.75 -11.53
C VAL C 62 -13.88 -6.75 -10.97
N GLY C 63 -15.15 -6.37 -10.93
CA GLY C 63 -16.15 -7.27 -10.38
C GLY C 63 -15.83 -7.38 -8.90
N GLU C 64 -15.79 -8.61 -8.38
CA GLU C 64 -15.48 -8.80 -6.96
C GLU C 64 -14.02 -9.21 -6.81
N LYS C 65 -13.28 -9.18 -7.91
CA LYS C 65 -11.87 -9.57 -7.90
C LYS C 65 -10.93 -8.36 -7.88
N ILE C 66 -9.79 -8.52 -7.21
CA ILE C 66 -8.80 -7.45 -7.15
C ILE C 66 -7.43 -8.01 -7.55
N PHE C 67 -6.82 -7.38 -8.55
CA PHE C 67 -5.50 -7.77 -9.01
C PHE C 67 -4.54 -6.77 -8.38
N LYS C 68 -3.40 -7.27 -7.90
CA LYS C 68 -2.40 -6.37 -7.32
C LYS C 68 -1.01 -6.88 -7.64
N THR C 69 -0.16 -6.01 -8.15
CA THR C 69 1.20 -6.42 -8.47
C THR C 69 2.16 -6.12 -7.33
N ALA C 70 3.16 -6.97 -7.19
CA ALA C 70 4.17 -6.81 -6.15
C ALA C 70 5.19 -5.77 -6.60
N GLY C 71 5.21 -5.50 -7.90
CA GLY C 71 6.13 -4.51 -8.43
C GLY C 71 7.49 -5.04 -8.84
N PHE C 72 7.68 -6.35 -8.74
CA PHE C 72 8.96 -6.96 -9.12
C PHE C 72 8.74 -8.29 -9.85
N VAL C 73 9.80 -8.82 -10.45
CA VAL C 73 9.72 -10.07 -11.19
C VAL C 73 10.28 -11.25 -10.41
N LYS C 74 9.76 -12.44 -10.71
CA LYS C 74 10.18 -13.68 -10.07
C LYS C 74 9.85 -14.86 -10.96
N PRO C 75 10.53 -16.00 -10.77
CA PRO C 75 10.23 -17.16 -11.60
C PRO C 75 8.85 -17.65 -11.16
N PHE C 76 8.20 -18.47 -11.99
CA PHE C 76 6.87 -18.95 -11.66
C PHE C 76 6.66 -19.52 -10.27
N THR C 77 7.46 -20.52 -9.89
CA THR C 77 7.32 -21.14 -8.58
C THR C 77 7.36 -20.15 -7.42
N GLU C 78 8.30 -19.21 -7.46
CA GLU C 78 8.43 -18.21 -6.39
C GLU C 78 7.24 -17.26 -6.42
N ALA C 79 6.85 -16.83 -7.61
CA ALA C 79 5.71 -15.92 -7.75
C ALA C 79 4.46 -16.59 -7.21
N GLN C 80 4.30 -17.87 -7.53
CA GLN C 80 3.15 -18.64 -7.08
C GLN C 80 3.08 -18.72 -5.56
N LEU C 81 4.22 -19.00 -4.94
CA LEU C 81 4.27 -19.12 -3.48
C LEU C 81 3.93 -17.78 -2.82
N LEU C 82 4.44 -16.69 -3.37
CA LEU C 82 4.17 -15.36 -2.82
C LEU C 82 2.68 -15.09 -2.75
N CYS C 83 1.95 -15.39 -3.83
CA CYS C 83 0.52 -15.16 -3.84
C CYS C 83 -0.23 -16.05 -2.87
N THR C 84 0.09 -17.34 -2.86
CA THR C 84 -0.57 -18.28 -1.97
C THR C 84 -0.34 -17.94 -0.50
N GLN C 85 0.89 -17.56 -0.16
CA GLN C 85 1.21 -17.21 1.22
C GLN C 85 0.48 -15.95 1.64
N ALA C 86 0.18 -15.09 0.67
CA ALA C 86 -0.53 -13.84 0.94
C ALA C 86 -2.04 -14.08 1.01
N GLY C 87 -2.46 -15.33 0.84
CA GLY C 87 -3.87 -15.65 0.91
C GLY C 87 -4.62 -15.49 -0.40
N GLY C 88 -3.88 -15.42 -1.51
CA GLY C 88 -4.51 -15.29 -2.82
C GLY C 88 -3.88 -16.28 -3.77
N GLN C 89 -3.82 -15.93 -5.04
CA GLN C 89 -3.20 -16.78 -6.05
C GLN C 89 -2.78 -15.93 -7.23
N LEU C 90 -1.99 -16.50 -8.12
CA LEU C 90 -1.54 -15.76 -9.29
C LEU C 90 -2.73 -15.33 -10.14
N ALA C 91 -2.59 -14.18 -10.79
CA ALA C 91 -3.63 -13.63 -11.65
C ALA C 91 -4.23 -14.71 -12.54
N SER C 92 -5.56 -14.84 -12.46
CA SER C 92 -6.29 -15.83 -13.24
C SER C 92 -7.47 -15.19 -13.96
N PRO C 93 -7.20 -14.41 -15.02
CA PRO C 93 -8.29 -13.76 -15.75
C PRO C 93 -9.25 -14.79 -16.36
N ARG C 94 -10.53 -14.65 -16.06
CA ARG C 94 -11.54 -15.58 -16.55
C ARG C 94 -12.53 -14.96 -17.53
N SER C 95 -12.24 -13.74 -17.97
CA SER C 95 -13.10 -13.07 -18.92
C SER C 95 -12.35 -11.93 -19.58
N ALA C 96 -12.93 -11.40 -20.66
CA ALA C 96 -12.31 -10.29 -21.37
C ALA C 96 -12.19 -9.10 -20.42
N ALA C 97 -13.20 -8.93 -19.56
CA ALA C 97 -13.20 -7.83 -18.59
C ALA C 97 -12.05 -7.95 -17.59
N GLU C 98 -11.84 -9.15 -17.05
CA GLU C 98 -10.75 -9.33 -16.10
C GLU C 98 -9.40 -9.21 -16.79
N ASN C 99 -9.31 -9.72 -18.01
CA ASN C 99 -8.05 -9.65 -18.74
C ASN C 99 -7.64 -8.21 -19.00
N ALA C 100 -8.62 -7.36 -19.30
CA ALA C 100 -8.35 -5.95 -19.57
C ALA C 100 -7.88 -5.23 -18.33
N ALA C 101 -8.44 -5.59 -17.18
CA ALA C 101 -8.07 -4.97 -15.92
C ALA C 101 -6.62 -5.35 -15.60
N LEU C 102 -6.32 -6.64 -15.76
CA LEU C 102 -4.97 -7.12 -15.52
C LEU C 102 -3.97 -6.46 -16.46
N GLN C 103 -4.37 -6.31 -17.72
CA GLN C 103 -3.53 -5.70 -18.74
C GLN C 103 -3.08 -4.30 -18.31
N GLN C 104 -3.96 -3.57 -17.62
CA GLN C 104 -3.64 -2.22 -17.16
C GLN C 104 -2.39 -2.20 -16.27
N LEU C 105 -2.28 -3.17 -15.37
CA LEU C 105 -1.13 -3.25 -14.48
C LEU C 105 0.13 -3.60 -15.27
N VAL C 106 -0.01 -4.50 -16.24
CA VAL C 106 1.12 -4.91 -17.06
C VAL C 106 1.63 -3.71 -17.86
N VAL C 107 0.71 -2.91 -18.38
CA VAL C 107 1.06 -1.73 -19.16
C VAL C 107 1.70 -0.68 -18.25
N ALA C 108 1.11 -0.47 -17.08
CA ALA C 108 1.62 0.50 -16.12
C ALA C 108 3.06 0.19 -15.72
N LYS C 109 3.36 -1.09 -15.51
CA LYS C 109 4.70 -1.50 -15.11
C LYS C 109 5.58 -1.80 -16.32
N ASN C 110 4.96 -1.90 -17.49
CA ASN C 110 5.67 -2.20 -18.72
C ASN C 110 6.48 -3.49 -18.55
N GLU C 111 5.87 -4.48 -17.89
CA GLU C 111 6.51 -5.76 -17.63
C GLU C 111 5.49 -6.89 -17.79
N ALA C 112 5.78 -7.85 -18.68
CA ALA C 112 4.89 -8.98 -18.87
C ALA C 112 4.74 -9.71 -17.53
N ALA C 113 3.55 -10.25 -17.27
CA ALA C 113 3.29 -10.93 -16.03
C ALA C 113 2.90 -12.40 -16.19
N PHE C 114 3.13 -13.18 -15.14
CA PHE C 114 2.76 -14.59 -15.15
C PHE C 114 1.28 -14.73 -14.77
N LEU C 115 0.63 -15.73 -15.37
CA LEU C 115 -0.74 -16.04 -15.01
C LEU C 115 -0.61 -17.29 -14.14
N SER C 116 -1.71 -17.74 -13.56
CA SER C 116 -1.66 -18.91 -12.68
C SER C 116 -1.70 -20.25 -13.40
N MET C 117 -2.18 -20.24 -14.63
CA MET C 117 -2.37 -21.47 -15.40
C MET C 117 -1.14 -22.13 -16.03
N THR C 118 -1.14 -23.46 -16.04
CA THR C 118 -0.03 -24.22 -16.62
C THR C 118 -0.53 -25.53 -17.22
N ASP C 119 0.30 -26.17 -18.04
CA ASP C 119 -0.04 -27.47 -18.61
C ASP C 119 1.07 -28.43 -18.21
N SER C 120 1.55 -28.27 -16.98
CA SER C 120 2.62 -29.10 -16.42
C SER C 120 2.18 -30.54 -16.18
N LYS C 121 0.90 -30.75 -15.91
CA LYS C 121 0.39 -32.10 -15.67
C LYS C 121 0.21 -32.86 -16.97
N THR C 122 -0.49 -32.24 -17.92
CA THR C 122 -0.74 -32.85 -19.22
C THR C 122 -0.36 -31.85 -20.31
N GLU C 123 0.73 -32.13 -21.00
CA GLU C 123 1.20 -31.25 -22.08
C GLU C 123 0.08 -30.94 -23.08
N GLY C 124 -0.11 -29.65 -23.36
CA GLY C 124 -1.13 -29.25 -24.31
C GLY C 124 -2.47 -28.93 -23.67
N LYS C 125 -2.60 -29.18 -22.37
CA LYS C 125 -3.85 -28.90 -21.68
C LYS C 125 -3.62 -27.98 -20.47
N PHE C 126 -3.92 -26.70 -20.66
CA PHE C 126 -3.74 -25.73 -19.59
C PHE C 126 -4.89 -25.73 -18.59
N THR C 127 -4.54 -25.60 -17.31
CA THR C 127 -5.51 -25.61 -16.24
C THR C 127 -5.18 -24.62 -15.13
N TYR C 128 -6.17 -24.35 -14.30
CA TYR C 128 -6.02 -23.46 -13.15
C TYR C 128 -5.35 -24.26 -12.05
N PRO C 129 -4.90 -23.59 -10.98
CA PRO C 129 -4.24 -24.30 -9.89
C PRO C 129 -5.09 -25.44 -9.30
N THR C 130 -6.40 -25.31 -9.41
CA THR C 130 -7.32 -26.33 -8.90
C THR C 130 -7.34 -27.59 -9.75
N GLY C 131 -7.07 -27.43 -11.04
CA GLY C 131 -7.07 -28.56 -11.96
C GLY C 131 -8.11 -28.38 -13.04
N GLU C 132 -9.01 -27.42 -12.82
CA GLU C 132 -10.07 -27.10 -13.76
C GLU C 132 -9.49 -26.61 -15.09
N SER C 133 -10.16 -26.95 -16.18
CA SER C 133 -9.73 -26.53 -17.51
C SER C 133 -10.11 -25.06 -17.71
N LEU C 134 -9.37 -24.37 -18.58
CA LEU C 134 -9.61 -22.95 -18.84
C LEU C 134 -11.03 -22.65 -19.30
N VAL C 135 -11.61 -21.58 -18.76
CA VAL C 135 -12.97 -21.16 -19.12
C VAL C 135 -12.88 -19.95 -20.04
N TYR C 136 -11.66 -19.46 -20.25
CA TYR C 136 -11.41 -18.31 -21.11
C TYR C 136 -9.93 -18.28 -21.46
N SER C 137 -9.62 -17.84 -22.68
CA SER C 137 -8.23 -17.74 -23.11
C SER C 137 -8.09 -16.56 -24.06
N ASN C 138 -6.88 -16.00 -24.13
CA ASN C 138 -6.60 -14.88 -25.01
C ASN C 138 -5.22 -15.03 -25.63
N TRP C 139 -4.95 -16.22 -26.17
CA TRP C 139 -3.67 -16.53 -26.78
C TRP C 139 -3.31 -15.67 -27.99
N ALA C 140 -2.04 -15.30 -28.07
CA ALA C 140 -1.53 -14.53 -29.19
C ALA C 140 -1.55 -15.51 -30.36
N PRO C 141 -1.48 -15.02 -31.61
CA PRO C 141 -1.49 -15.92 -32.76
C PRO C 141 -0.40 -17.00 -32.71
N GLY C 142 -0.81 -18.25 -32.95
CA GLY C 142 0.14 -19.36 -32.95
C GLY C 142 0.44 -19.96 -31.58
N GLU C 143 -0.02 -19.31 -30.52
CA GLU C 143 0.23 -19.82 -29.17
C GLU C 143 -0.99 -20.59 -28.65
N PRO C 144 -0.78 -21.53 -27.72
CA PRO C 144 0.51 -21.92 -27.12
C PRO C 144 1.25 -22.88 -28.06
N ASN C 145 2.58 -22.77 -28.12
CA ASN C 145 3.37 -23.61 -29.02
C ASN C 145 4.44 -24.48 -28.37
N ASP C 146 4.47 -24.52 -27.03
CA ASP C 146 5.46 -25.31 -26.29
C ASP C 146 6.83 -25.21 -26.96
N ASP C 147 7.28 -23.98 -27.19
CA ASP C 147 8.56 -23.73 -27.85
C ASP C 147 9.72 -24.45 -27.17
N GLY C 148 10.51 -25.16 -27.98
CA GLY C 148 11.64 -25.89 -27.44
C GLY C 148 11.20 -27.07 -26.60
N GLY C 149 9.90 -27.33 -26.58
CA GLY C 149 9.35 -28.43 -25.80
C GLY C 149 9.50 -28.16 -24.33
N SER C 150 9.51 -26.88 -23.95
CA SER C 150 9.69 -26.53 -22.54
C SER C 150 8.95 -25.29 -22.05
N GLU C 151 7.71 -25.09 -22.50
CA GLU C 151 6.94 -23.94 -22.05
C GLU C 151 5.61 -24.37 -21.44
N ASP C 152 5.55 -24.44 -20.11
CA ASP C 152 4.33 -24.86 -19.44
C ASP C 152 3.64 -23.77 -18.65
N CYS C 153 4.23 -22.58 -18.62
CA CYS C 153 3.63 -21.47 -17.90
C CYS C 153 3.07 -20.46 -18.89
N VAL C 154 2.34 -19.46 -18.41
CA VAL C 154 1.74 -18.47 -19.31
C VAL C 154 2.02 -17.05 -18.88
N GLU C 155 2.37 -16.22 -19.84
CA GLU C 155 2.64 -14.81 -19.58
C GLU C 155 1.64 -13.97 -20.37
N ILE C 156 1.34 -12.78 -19.85
CA ILE C 156 0.43 -11.86 -20.52
C ILE C 156 1.24 -10.62 -20.91
N PHE C 157 1.15 -10.23 -22.18
CA PHE C 157 1.89 -9.08 -22.70
C PHE C 157 1.17 -7.76 -22.44
N THR C 158 1.86 -6.66 -22.74
CA THR C 158 1.27 -5.33 -22.58
C THR C 158 0.08 -5.15 -23.52
N ASN C 159 -0.02 -6.00 -24.54
CA ASN C 159 -1.14 -5.89 -25.47
C ASN C 159 -2.28 -6.81 -25.03
N GLY C 160 -2.13 -7.41 -23.85
CA GLY C 160 -3.17 -8.28 -23.29
C GLY C 160 -3.17 -9.72 -23.75
N LYS C 161 -2.47 -10.04 -24.83
CA LYS C 161 -2.42 -11.40 -25.35
C LYS C 161 -1.56 -12.33 -24.51
N TRP C 162 -1.84 -13.63 -24.59
CA TRP C 162 -1.12 -14.65 -23.83
C TRP C 162 -0.10 -15.43 -24.65
N ASN C 163 0.94 -15.90 -23.98
CA ASN C 163 1.97 -16.70 -24.61
C ASN C 163 2.50 -17.72 -23.61
N ASP C 164 2.62 -18.99 -23.99
CA ASP C 164 3.18 -19.94 -23.04
C ASP C 164 4.67 -19.66 -22.99
N ARG C 165 5.22 -19.72 -21.79
CA ARG C 165 6.62 -19.39 -21.53
C ARG C 165 7.23 -20.34 -20.51
N ALA C 166 8.54 -20.55 -20.59
CA ALA C 166 9.22 -21.43 -19.64
C ALA C 166 9.02 -20.89 -18.23
N CYS C 167 8.63 -21.77 -17.32
CA CYS C 167 8.38 -21.39 -15.94
C CYS C 167 9.59 -20.85 -15.20
N GLY C 168 10.79 -21.19 -15.67
CA GLY C 168 12.00 -20.72 -15.02
C GLY C 168 12.30 -19.26 -15.25
N GLU C 169 11.68 -18.68 -16.28
CA GLU C 169 11.89 -17.28 -16.60
C GLU C 169 11.24 -16.39 -15.55
N LYS C 170 11.75 -15.17 -15.42
CA LYS C 170 11.23 -14.21 -14.45
C LYS C 170 10.24 -13.25 -15.09
N ARG C 171 9.07 -13.10 -14.45
CA ARG C 171 8.03 -12.21 -14.95
C ARG C 171 7.40 -11.44 -13.80
N LEU C 172 6.69 -10.36 -14.13
CA LEU C 172 6.05 -9.53 -13.12
C LEU C 172 5.10 -10.37 -12.26
N VAL C 173 5.16 -10.19 -10.95
CA VAL C 173 4.30 -10.91 -10.04
C VAL C 173 3.00 -10.13 -9.80
N VAL C 174 1.88 -10.75 -10.16
CA VAL C 174 0.57 -10.14 -9.96
C VAL C 174 -0.35 -11.19 -9.35
N CYS C 175 -0.93 -10.88 -8.21
CA CYS C 175 -1.82 -11.81 -7.54
C CYS C 175 -3.25 -11.29 -7.60
N GLU C 176 -4.19 -12.19 -7.34
CA GLU C 176 -5.59 -11.81 -7.32
C GLU C 176 -6.16 -12.17 -5.96
N PHE C 177 -7.06 -11.33 -5.48
CA PHE C 177 -7.70 -11.51 -4.17
C PHE C 177 -9.20 -11.34 -4.31
CA CA D . 9.67 29.14 -13.12
CA CA E . 2.74 30.14 -17.66
CA CA F . 1.52 29.71 -21.43
CA CA G . -1.70 -0.36 0.83
C1 GAL H . 12.74 27.82 -13.85
C2 GAL H . 13.08 28.83 -12.75
C3 GAL H . 14.47 29.42 -13.02
C4 GAL H . 15.50 28.28 -13.15
C5 GAL H . 15.03 27.26 -14.20
C6 GAL H . 15.94 26.05 -14.28
O1 GAL H . 11.48 27.26 -13.63
O2 GAL H . 12.12 29.88 -12.73
O3 GAL H . 14.84 30.28 -11.96
O4 GAL H . 15.69 27.66 -11.90
O5 GAL H . 13.70 26.78 -13.87
O6 GAL H . 15.45 25.10 -15.23
CA CA I . 27.09 -7.92 18.03
CA CA J . 25.72 -1.99 23.83
CA CA K . 26.79 1.68 24.77
C1 GAL L . 29.05 -7.87 15.31
C2 GAL L . 29.00 -9.38 15.62
C3 GAL L . 30.32 -10.04 15.20
C4 GAL L . 30.65 -9.71 13.74
C5 GAL L . 30.59 -8.19 13.50
C6 GAL L . 30.77 -7.81 12.05
O1 GAL L . 27.85 -7.27 15.62
O2 GAL L . 28.79 -9.58 17.01
O3 GAL L . 30.22 -11.44 15.37
O4 GAL L . 29.74 -10.38 12.88
O5 GAL L . 29.30 -7.67 13.92
O6 GAL L . 30.58 -6.42 11.86
CA CA M . 5.19 -19.79 -26.66
CA CA N . 3.65 -26.92 -22.57
CA CA O . 5.49 -29.84 -20.65
C1 GAL P . 8.13 -18.22 -27.31
C2 GAL P . 7.22 -17.74 -28.44
C3 GAL P . 8.05 -17.54 -29.72
C4 GAL P . 9.23 -16.59 -29.43
C5 GAL P . 10.03 -17.09 -28.21
C6 GAL P . 11.11 -16.12 -27.80
O1 GAL P . 7.40 -18.39 -26.14
O2 GAL P . 6.20 -18.69 -28.71
O3 GAL P . 7.22 -16.99 -30.73
O4 GAL P . 8.75 -15.28 -29.20
O5 GAL P . 9.16 -17.26 -27.07
O6 GAL P . 11.76 -16.56 -26.62
#